data_7F41
#
_entry.id   7F41
#
_cell.length_a   45.313
_cell.length_b   68.498
_cell.length_c   158.404
_cell.angle_alpha   90.000
_cell.angle_beta   90.000
_cell.angle_gamma   90.000
#
_symmetry.space_group_name_H-M   'P 21 21 21'
#
loop_
_entity.id
_entity.type
_entity.pdbx_description
1 polymer 'Protein mono-ADP-ribosyltransferase PARP15'
2 non-polymer 3-aminobenzamide
3 water water
#
_entity_poly.entity_id   1
_entity_poly.type   'polypeptide(L)'
_entity_poly.pdbx_seq_one_letter_code
;NLPEHWTDMNHQLFCMVQLEPGQSEYNTIKDKFTRTCSSYAIEKIERIQNAFLWQSYQVKKRQMDIKNDHKNNERLLFHG
TDADSVPYVNQHGFNRSCAGKNAVSYGKGTYFAVDASYSAKDTYSKPDSNGRKHMYVVRVLTGVFTKGRAGLVTPPPKNP
HNPTDLFDSVTNNTRSPKLFVVFFDNQAYPEYLITFTA
;
_entity_poly.pdbx_strand_id   A,B
#
loop_
_chem_comp.id
_chem_comp.type
_chem_comp.name
_chem_comp.formula
3AB non-polymer 3-aminobenzamide 'C7 H8 N2 O'
#
# COMPACT_ATOMS: atom_id res chain seq x y z
N LEU A 2 18.82 -7.65 3.65
CA LEU A 2 18.05 -8.82 4.11
C LEU A 2 18.60 -9.39 5.42
N PRO A 3 17.73 -9.92 6.26
CA PRO A 3 18.15 -10.40 7.58
C PRO A 3 19.18 -11.52 7.47
N GLU A 4 20.17 -11.49 8.37
CA GLU A 4 21.29 -12.42 8.29
C GLU A 4 20.90 -13.86 8.66
N HIS A 5 19.77 -14.07 9.32
CA HIS A 5 19.34 -15.43 9.63
C HIS A 5 18.63 -16.10 8.46
N TRP A 6 18.32 -15.37 7.40
CA TRP A 6 17.67 -15.98 6.25
C TRP A 6 18.65 -16.91 5.54
N THR A 7 18.10 -17.95 4.89
CA THR A 7 18.92 -18.75 4.00
C THR A 7 19.38 -17.88 2.84
N ASP A 8 20.56 -18.19 2.32
CA ASP A 8 20.99 -17.51 1.12
C ASP A 8 20.12 -18.00 -0.04
N MET A 9 19.50 -17.07 -0.74
CA MET A 9 18.57 -17.42 -1.80
C MET A 9 19.23 -17.41 -3.17
N ASN A 10 20.56 -17.41 -3.22
CA ASN A 10 21.32 -17.29 -4.46
C ASN A 10 20.87 -16.00 -5.14
N HIS A 11 20.38 -16.04 -6.38
CA HIS A 11 19.79 -14.86 -6.98
C HIS A 11 18.28 -15.05 -7.12
N GLN A 12 17.60 -15.24 -6.00
CA GLN A 12 16.15 -15.34 -5.97
C GLN A 12 15.60 -14.33 -4.96
N LEU A 13 14.38 -13.89 -5.20
CA LEU A 13 13.76 -12.87 -4.39
C LEU A 13 12.70 -13.40 -3.44
N PHE A 14 12.38 -14.68 -3.52
CA PHE A 14 11.34 -15.27 -2.69
C PHE A 14 11.70 -16.72 -2.39
N CYS A 15 11.45 -17.13 -1.15
CA CYS A 15 11.67 -18.51 -0.72
C CYS A 15 10.85 -18.76 0.54
N MET A 16 10.33 -19.99 0.66
CA MET A 16 9.74 -20.49 1.90
C MET A 16 10.70 -21.49 2.50
N VAL A 17 10.98 -21.36 3.78
CA VAL A 17 11.99 -22.19 4.45
C VAL A 17 11.33 -22.98 5.57
N GLN A 18 11.34 -24.31 5.42
CA GLN A 18 10.77 -25.20 6.43
C GLN A 18 11.65 -25.20 7.67
N LEU A 19 11.05 -24.92 8.83
CA LEU A 19 11.79 -24.88 10.08
C LEU A 19 11.83 -26.25 10.76
N GLU A 20 12.87 -26.45 11.60
CA GLU A 20 13.07 -27.72 12.30
C GLU A 20 12.58 -27.62 13.75
N PRO A 21 11.73 -28.54 14.20
CA PRO A 21 11.32 -28.55 15.61
C PRO A 21 12.54 -28.72 16.51
N GLY A 22 12.44 -28.19 17.72
CA GLY A 22 13.54 -28.23 18.65
C GLY A 22 14.50 -27.06 18.56
N GLN A 23 14.51 -26.35 17.42
CA GLN A 23 15.19 -25.06 17.37
C GLN A 23 14.32 -24.00 18.01
N SER A 24 14.98 -22.96 18.54
CA SER A 24 14.24 -21.90 19.22
C SER A 24 13.25 -21.22 18.28
N GLU A 25 13.63 -21.02 17.02
CA GLU A 25 12.75 -20.31 16.10
C GLU A 25 11.41 -21.04 15.94
N TYR A 26 11.44 -22.34 15.67
CA TYR A 26 10.21 -23.13 15.58
C TYR A 26 9.50 -23.19 16.92
N ASN A 27 10.24 -23.53 17.99
CA ASN A 27 9.58 -23.80 19.27
C ASN A 27 8.88 -22.56 19.81
N THR A 28 9.44 -21.38 19.58
CA THR A 28 8.83 -20.17 20.12
C THR A 28 7.54 -19.84 19.37
N ILE A 29 7.51 -20.04 18.05
CA ILE A 29 6.26 -19.91 17.30
C ILE A 29 5.24 -20.95 17.76
N LYS A 30 5.69 -22.21 17.91
CA LYS A 30 4.80 -23.25 18.41
C LYS A 30 4.22 -22.87 19.78
N ASP A 31 5.07 -22.36 20.67
CA ASP A 31 4.58 -22.00 22.00
C ASP A 31 3.56 -20.87 21.94
N LYS A 32 3.80 -19.88 21.06
CA LYS A 32 2.85 -18.76 20.93
C LYS A 32 1.51 -19.25 20.39
N PHE A 33 1.54 -20.19 19.46
CA PHE A 33 0.33 -20.79 18.90
C PHE A 33 -0.38 -21.64 19.94
N THR A 34 0.34 -22.56 20.59
CA THR A 34 -0.31 -23.51 21.51
C THR A 34 -0.82 -22.84 22.77
N ARG A 35 -0.36 -21.62 23.09
CA ARG A 35 -0.86 -20.93 24.26
C ARG A 35 -2.38 -20.82 24.24
N THR A 36 -2.97 -20.67 23.06
CA THR A 36 -4.42 -20.64 22.92
C THR A 36 -4.98 -21.69 21.97
N CYS A 37 -4.14 -22.48 21.29
CA CYS A 37 -4.58 -23.48 20.32
C CYS A 37 -4.11 -24.88 20.68
N SER A 38 -4.16 -25.25 21.96
CA SER A 38 -3.60 -26.52 22.40
C SER A 38 -4.35 -27.73 21.84
N SER A 39 -5.59 -27.56 21.38
CA SER A 39 -6.32 -28.68 20.81
C SER A 39 -5.88 -29.03 19.40
N TYR A 40 -5.16 -28.14 18.72
CA TYR A 40 -4.72 -28.36 17.36
C TYR A 40 -3.30 -28.93 17.36
N ALA A 41 -2.86 -29.40 16.19
CA ALA A 41 -1.53 -29.94 16.03
C ALA A 41 -0.88 -29.34 14.79
N ILE A 42 0.35 -28.88 14.95
CA ILE A 42 1.08 -28.25 13.85
C ILE A 42 1.66 -29.32 12.93
N GLU A 43 1.37 -29.19 11.63
CA GLU A 43 2.05 -29.99 10.61
C GLU A 43 3.45 -29.45 10.34
N LYS A 44 3.57 -28.14 10.05
CA LYS A 44 4.87 -27.55 9.76
C LYS A 44 4.79 -26.04 9.94
N ILE A 45 5.96 -25.43 10.06
CA ILE A 45 6.10 -23.99 10.15
C ILE A 45 7.16 -23.57 9.14
N GLU A 46 6.81 -22.63 8.27
CA GLU A 46 7.70 -22.15 7.22
C GLU A 46 8.03 -20.68 7.44
N ARG A 47 9.31 -20.34 7.35
CA ARG A 47 9.71 -18.94 7.33
C ARG A 47 9.53 -18.38 5.92
N ILE A 48 8.91 -17.21 5.82
CA ILE A 48 8.65 -16.55 4.55
C ILE A 48 9.76 -15.54 4.30
N GLN A 49 10.54 -15.77 3.25
CA GLN A 49 11.62 -14.86 2.86
C GLN A 49 11.20 -14.17 1.57
N ASN A 50 10.66 -12.97 1.69
CA ASN A 50 10.19 -12.22 0.54
C ASN A 50 10.93 -10.89 0.53
N ALA A 51 11.92 -10.77 -0.35
CA ALA A 51 12.82 -9.62 -0.29
C ALA A 51 12.08 -8.31 -0.50
N PHE A 52 11.22 -8.25 -1.52
CA PHE A 52 10.58 -6.98 -1.84
C PHE A 52 9.60 -6.57 -0.76
N LEU A 53 8.78 -7.51 -0.28
CA LEU A 53 7.85 -7.19 0.80
C LEU A 53 8.60 -6.73 2.05
N TRP A 54 9.71 -7.40 2.37
CA TRP A 54 10.51 -7.04 3.53
C TRP A 54 11.05 -5.62 3.40
N GLN A 55 11.64 -5.29 2.24
CA GLN A 55 12.19 -3.95 2.02
C GLN A 55 11.13 -2.87 2.22
N SER A 56 9.95 -3.05 1.59
CA SER A 56 8.92 -2.03 1.70
C SER A 56 8.39 -1.93 3.12
N TYR A 57 8.23 -3.08 3.79
CA TYR A 57 7.78 -3.06 5.18
C TYR A 57 8.80 -2.36 6.09
N GLN A 58 10.09 -2.67 5.90
CA GLN A 58 11.10 -2.07 6.78
C GLN A 58 11.18 -0.56 6.58
N VAL A 59 10.93 -0.08 5.35
CA VAL A 59 10.86 1.37 5.14
C VAL A 59 9.71 1.98 5.92
N LYS A 60 8.53 1.35 5.87
CA LYS A 60 7.39 1.87 6.65
C LYS A 60 7.69 1.83 8.15
N LYS A 61 8.38 0.79 8.61
CA LYS A 61 8.66 0.71 10.04
C LYS A 61 9.60 1.83 10.47
N ARG A 62 10.63 2.09 9.66
CA ARG A 62 11.56 3.15 10.01
C ARG A 62 10.84 4.49 10.01
N GLN A 63 9.94 4.71 9.05
CA GLN A 63 9.17 5.94 9.01
C GLN A 63 8.26 6.08 10.23
N MET A 64 7.59 4.99 10.63
CA MET A 64 6.69 5.05 11.77
C MET A 64 7.46 5.26 13.07
N ASP A 65 8.65 4.64 13.18
CA ASP A 65 9.50 4.85 14.35
C ASP A 65 9.95 6.31 14.46
N ILE A 66 10.22 6.96 13.32
CA ILE A 66 10.58 8.38 13.32
C ILE A 66 9.37 9.22 13.70
N LYS A 67 8.21 8.94 13.11
CA LYS A 67 7.02 9.74 13.32
C LYS A 67 6.54 9.66 14.77
N ASN A 68 6.54 8.46 15.35
CA ASN A 68 5.97 8.27 16.67
C ASN A 68 6.96 8.51 17.80
N ASP A 69 8.24 8.68 17.45
CA ASP A 69 9.29 9.04 18.42
C ASP A 69 9.41 8.03 19.54
N HIS A 70 9.06 6.78 19.26
CA HIS A 70 9.40 5.66 20.11
C HIS A 70 9.51 4.44 19.21
N LYS A 71 9.83 3.31 19.81
CA LYS A 71 10.15 2.12 19.02
C LYS A 71 9.30 0.92 19.37
N ASN A 72 8.11 1.10 19.94
CA ASN A 72 7.17 -0.02 19.93
C ASN A 72 5.89 0.21 19.16
N ASN A 73 6.11 0.21 17.85
CA ASN A 73 5.08 0.30 16.85
C ASN A 73 4.74 -1.06 16.25
N GLU A 74 5.48 -2.10 16.58
CA GLU A 74 5.35 -3.39 15.91
C GLU A 74 4.89 -4.47 16.89
N ARG A 75 3.93 -5.27 16.46
CA ARG A 75 3.43 -6.42 17.21
C ARG A 75 3.51 -7.66 16.34
N LEU A 76 3.60 -8.82 16.98
CA LEU A 76 3.57 -10.09 16.27
C LEU A 76 2.18 -10.70 16.45
N LEU A 77 1.41 -10.78 15.37
CA LEU A 77 0.00 -11.13 15.41
C LEU A 77 -0.29 -12.28 14.46
N PHE A 78 -1.51 -12.80 14.50
CA PHE A 78 -1.87 -13.96 13.70
C PHE A 78 -2.89 -13.59 12.63
N HIS A 79 -2.90 -14.35 11.53
CA HIS A 79 -3.91 -14.13 10.49
C HIS A 79 -4.27 -15.47 9.87
N GLY A 80 -5.47 -15.95 10.12
CA GLY A 80 -5.94 -17.18 9.49
C GLY A 80 -6.53 -16.87 8.12
N THR A 81 -6.24 -17.74 7.16
CA THR A 81 -6.80 -17.55 5.83
C THR A 81 -6.99 -18.89 5.13
N ASP A 82 -7.65 -18.85 3.98
CA ASP A 82 -7.91 -20.05 3.21
C ASP A 82 -6.71 -20.41 2.35
N ALA A 83 -6.66 -21.67 1.93
CA ALA A 83 -5.53 -22.15 1.13
C ALA A 83 -5.42 -21.41 -0.19
N ASP A 84 -6.55 -20.98 -0.75
CA ASP A 84 -6.54 -20.31 -2.05
C ASP A 84 -5.87 -18.93 -2.00
N SER A 85 -5.75 -18.32 -0.83
CA SER A 85 -5.13 -17.01 -0.67
C SER A 85 -3.64 -17.10 -0.38
N VAL A 86 -3.15 -18.30 -0.02
CA VAL A 86 -1.76 -18.44 0.43
C VAL A 86 -0.75 -18.06 -0.64
N PRO A 87 -0.86 -18.51 -1.89
CA PRO A 87 0.14 -18.08 -2.89
C PRO A 87 0.23 -16.58 -3.04
N TYR A 88 -0.92 -15.89 -3.05
CA TYR A 88 -0.91 -14.44 -3.21
C TYR A 88 -0.25 -13.77 -2.02
N VAL A 89 -0.65 -14.14 -0.80
CA VAL A 89 -0.10 -13.52 0.40
C VAL A 89 1.41 -13.73 0.47
N ASN A 90 1.86 -14.94 0.14
CA ASN A 90 3.29 -15.24 0.21
C ASN A 90 4.09 -14.29 -0.66
N GLN A 91 3.56 -13.93 -1.84
CA GLN A 91 4.26 -13.10 -2.80
C GLN A 91 3.97 -11.62 -2.63
N HIS A 92 2.73 -11.26 -2.28
CA HIS A 92 2.28 -9.88 -2.34
C HIS A 92 1.82 -9.32 -1.02
N GLY A 93 1.75 -10.13 0.03
CA GLY A 93 1.26 -9.62 1.30
C GLY A 93 -0.25 -9.57 1.34
N PHE A 94 -0.76 -8.84 2.33
CA PHE A 94 -2.18 -8.73 2.55
C PHE A 94 -2.73 -7.51 1.82
N ASN A 95 -3.87 -7.70 1.17
CA ASN A 95 -4.51 -6.66 0.36
C ASN A 95 -5.87 -6.34 0.98
N ARG A 96 -6.00 -5.12 1.51
CA ARG A 96 -7.26 -4.73 2.13
C ARG A 96 -8.43 -4.82 1.17
N SER A 97 -8.18 -4.66 -0.13
CA SER A 97 -9.28 -4.64 -1.10
C SER A 97 -9.88 -6.03 -1.26
N CYS A 98 -9.19 -7.06 -0.81
CA CYS A 98 -9.64 -8.44 -0.89
C CYS A 98 -10.07 -9.01 0.45
N ALA A 99 -10.01 -8.20 1.52
CA ALA A 99 -10.17 -8.71 2.87
C ALA A 99 -11.58 -9.21 3.12
N GLY A 100 -11.68 -10.24 3.95
CA GLY A 100 -12.99 -10.73 4.36
C GLY A 100 -13.65 -9.76 5.32
N LYS A 101 -14.98 -9.79 5.33
CA LYS A 101 -15.75 -8.99 6.28
C LYS A 101 -15.73 -9.70 7.63
N ASN A 102 -15.27 -9.02 8.68
CA ASN A 102 -15.22 -9.63 10.00
C ASN A 102 -16.61 -9.67 10.62
N ALA A 103 -16.85 -10.71 11.43
CA ALA A 103 -18.12 -10.84 12.13
C ALA A 103 -18.39 -9.64 13.03
N VAL A 104 -17.36 -9.05 13.61
CA VAL A 104 -17.49 -7.75 14.26
C VAL A 104 -16.52 -6.82 13.53
N SER A 105 -17.06 -5.90 12.73
CA SER A 105 -16.21 -5.07 11.89
C SER A 105 -15.86 -3.79 12.61
N TYR A 106 -14.56 -3.52 12.70
CA TYR A 106 -14.01 -2.26 13.18
C TYR A 106 -13.36 -1.46 12.06
N GLY A 107 -13.71 -1.76 10.81
CA GLY A 107 -13.22 -1.03 9.66
C GLY A 107 -12.95 -1.95 8.48
N LYS A 108 -12.85 -1.36 7.30
CA LYS A 108 -12.60 -2.10 6.07
C LYS A 108 -11.10 -2.18 5.82
N GLY A 109 -10.48 -3.17 6.45
CA GLY A 109 -9.05 -3.39 6.29
C GLY A 109 -8.68 -4.84 6.55
N THR A 110 -7.37 -5.10 6.70
CA THR A 110 -6.89 -6.44 7.00
C THR A 110 -6.80 -6.65 8.51
N TYR A 111 -7.35 -7.77 8.97
CA TYR A 111 -7.48 -8.05 10.39
C TYR A 111 -6.38 -8.98 10.88
N PHE A 112 -5.85 -8.70 12.07
CA PHE A 112 -4.83 -9.49 12.72
C PHE A 112 -5.19 -9.72 14.18
N ALA A 113 -5.00 -10.95 14.66
CA ALA A 113 -5.45 -11.36 15.98
C ALA A 113 -4.28 -11.46 16.94
N VAL A 114 -4.52 -11.05 18.19
CA VAL A 114 -3.55 -11.26 19.27
C VAL A 114 -3.42 -12.74 19.60
N ASP A 115 -4.54 -13.47 19.63
CA ASP A 115 -4.59 -14.87 20.04
C ASP A 115 -4.77 -15.76 18.82
N ALA A 116 -3.92 -16.80 18.71
CA ALA A 116 -4.06 -17.76 17.61
C ALA A 116 -5.44 -18.43 17.59
N SER A 117 -6.09 -18.57 18.75
CA SER A 117 -7.39 -19.22 18.78
C SER A 117 -8.42 -18.46 17.94
N TYR A 118 -8.30 -17.14 17.86
CA TYR A 118 -9.22 -16.40 17.02
C TYR A 118 -9.00 -16.76 15.55
N SER A 119 -7.75 -16.70 15.10
CA SER A 119 -7.40 -17.03 13.71
C SER A 119 -7.62 -18.50 13.38
N ALA A 120 -7.63 -19.38 14.39
CA ALA A 120 -7.83 -20.81 14.18
C ALA A 120 -9.27 -21.19 13.88
N LYS A 121 -10.22 -20.28 14.04
CA LYS A 121 -11.60 -20.58 13.68
C LYS A 121 -11.69 -20.94 12.19
N ASP A 122 -12.57 -21.90 11.87
CA ASP A 122 -12.76 -22.31 10.48
C ASP A 122 -13.25 -21.17 9.61
N THR A 123 -13.83 -20.13 10.21
CA THR A 123 -14.27 -18.97 9.45
C THR A 123 -13.09 -18.29 8.77
N TYR A 124 -11.91 -18.33 9.38
CA TYR A 124 -10.72 -17.67 8.85
C TYR A 124 -9.74 -18.65 8.23
N SER A 125 -9.18 -19.56 9.04
CA SER A 125 -8.28 -20.60 8.54
C SER A 125 -9.13 -21.78 8.03
N LYS A 126 -9.77 -21.55 6.89
CA LYS A 126 -10.72 -22.52 6.36
C LYS A 126 -10.01 -23.83 6.07
N PRO A 127 -10.49 -24.97 6.58
CA PRO A 127 -9.85 -26.24 6.25
C PRO A 127 -9.89 -26.49 4.75
N ASP A 128 -8.77 -26.96 4.21
CA ASP A 128 -8.78 -27.35 2.81
C ASP A 128 -9.33 -28.76 2.66
N SER A 129 -9.34 -29.28 1.43
CA SER A 129 -9.92 -30.60 1.21
C SER A 129 -9.16 -31.74 1.91
N ASN A 130 -7.93 -31.49 2.37
CA ASN A 130 -7.18 -32.46 3.16
C ASN A 130 -7.20 -32.16 4.65
N GLY A 131 -8.04 -31.23 5.09
CA GLY A 131 -8.13 -30.89 6.49
C GLY A 131 -7.02 -29.99 7.02
N ARG A 132 -6.22 -29.40 6.14
CA ARG A 132 -5.15 -28.52 6.57
C ARG A 132 -5.69 -27.10 6.71
N LYS A 133 -5.35 -26.46 7.83
CA LYS A 133 -5.66 -25.06 8.08
C LYS A 133 -4.37 -24.25 8.06
N HIS A 134 -4.48 -22.97 7.72
CA HIS A 134 -3.31 -22.13 7.46
C HIS A 134 -3.41 -20.82 8.23
N MET A 135 -2.35 -20.49 8.95
CA MET A 135 -2.32 -19.26 9.74
C MET A 135 -0.96 -18.60 9.60
N TYR A 136 -0.95 -17.30 9.28
CA TYR A 136 0.29 -16.56 9.22
C TYR A 136 0.62 -15.99 10.59
N VAL A 137 1.92 -15.88 10.87
CA VAL A 137 2.42 -15.07 11.97
C VAL A 137 3.06 -13.86 11.32
N VAL A 138 2.66 -12.67 11.76
CA VAL A 138 2.81 -11.45 10.97
C VAL A 138 3.40 -10.36 11.85
N ARG A 139 4.45 -9.68 11.37
CA ARG A 139 4.88 -8.43 11.98
C ARG A 139 3.95 -7.34 11.48
N VAL A 140 3.27 -6.67 12.41
CA VAL A 140 2.26 -5.67 12.06
C VAL A 140 2.63 -4.35 12.71
N LEU A 141 2.61 -3.27 11.92
CA LEU A 141 2.91 -1.94 12.45
C LEU A 141 1.62 -1.32 13.01
N THR A 142 1.31 -1.70 14.25
CA THR A 142 0.12 -1.21 14.92
C THR A 142 0.29 0.24 15.37
N GLY A 143 1.51 0.67 15.69
CA GLY A 143 1.77 2.05 16.07
C GLY A 143 0.85 2.55 17.17
N VAL A 144 0.30 3.74 16.98
CA VAL A 144 -0.68 4.35 17.87
C VAL A 144 -2.07 4.04 17.33
N PHE A 145 -2.96 3.53 18.19
CA PHE A 145 -4.24 3.03 17.74
C PHE A 145 -5.38 3.53 18.60
N THR A 146 -6.59 3.37 18.06
CA THR A 146 -7.82 3.76 18.72
C THR A 146 -8.87 2.72 18.38
N LYS A 147 -10.02 2.78 19.04
CA LYS A 147 -11.10 1.85 18.73
C LYS A 147 -11.66 2.15 17.34
N GLY A 148 -11.75 1.13 16.50
CA GLY A 148 -12.25 1.32 15.14
C GLY A 148 -13.77 1.42 15.05
N ARG A 149 -14.23 1.56 13.81
CA ARG A 149 -15.65 1.66 13.46
C ARG A 149 -15.84 1.06 12.09
N ALA A 150 -17.01 0.44 11.87
CA ALA A 150 -17.24 -0.34 10.66
C ALA A 150 -17.06 0.48 9.38
N GLY A 151 -17.34 1.78 9.42
CA GLY A 151 -17.28 2.54 8.17
C GLY A 151 -15.89 2.93 7.69
N LEU A 152 -14.86 2.70 8.49
CA LEU A 152 -13.54 3.24 8.19
C LEU A 152 -12.95 2.60 6.93
N VAL A 153 -12.39 3.42 6.06
CA VAL A 153 -11.56 2.94 4.95
C VAL A 153 -10.09 3.30 5.12
N THR A 154 -9.74 4.20 6.06
CA THR A 154 -8.41 4.48 6.57
C THR A 154 -8.54 4.65 8.08
N PRO A 155 -7.46 4.64 8.86
CA PRO A 155 -7.62 4.95 10.28
C PRO A 155 -8.13 6.37 10.44
N PRO A 156 -8.81 6.66 11.55
CA PRO A 156 -9.34 7.99 11.75
C PRO A 156 -8.25 8.95 12.14
N PRO A 157 -8.51 10.25 12.01
CA PRO A 157 -7.55 11.26 12.48
C PRO A 157 -7.51 11.26 14.00
N LYS A 158 -6.34 11.58 14.54
CA LYS A 158 -6.23 11.76 15.98
C LYS A 158 -7.02 12.97 16.45
N ASN A 159 -7.15 13.97 15.60
CA ASN A 159 -7.75 15.26 15.91
C ASN A 159 -8.63 15.62 14.72
N PRO A 160 -9.94 15.82 14.92
CA PRO A 160 -10.82 16.11 13.77
C PRO A 160 -10.46 17.38 13.02
N HIS A 161 -9.72 18.30 13.64
CA HIS A 161 -9.35 19.53 12.96
C HIS A 161 -8.03 19.44 12.21
N ASN A 162 -7.37 18.29 12.26
CA ASN A 162 -6.20 17.99 11.43
C ASN A 162 -6.49 16.63 10.80
N PRO A 163 -7.30 16.60 9.74
CA PRO A 163 -7.80 15.32 9.23
C PRO A 163 -6.74 14.38 8.66
N THR A 164 -5.54 14.86 8.35
CA THR A 164 -4.53 14.02 7.71
C THR A 164 -3.51 13.41 8.68
N ASP A 165 -3.55 13.76 9.95
CA ASP A 165 -2.62 13.19 10.95
C ASP A 165 -3.35 12.02 11.59
N LEU A 166 -3.07 10.81 11.12
CA LEU A 166 -3.89 9.63 11.37
C LEU A 166 -3.33 8.74 12.46
N PHE A 167 -4.22 8.03 13.15
CA PHE A 167 -3.81 6.84 13.89
C PHE A 167 -3.18 5.85 12.90
N ASP A 168 -2.32 4.98 13.43
CA ASP A 168 -1.67 4.00 12.56
C ASP A 168 -2.53 2.77 12.30
N SER A 169 -3.36 2.39 13.27
CA SER A 169 -4.24 1.23 13.14
C SER A 169 -5.43 1.45 14.06
N VAL A 170 -6.39 0.53 13.99
CA VAL A 170 -7.49 0.53 14.95
C VAL A 170 -7.60 -0.85 15.58
N THR A 171 -8.36 -0.90 16.69
CA THR A 171 -8.52 -2.12 17.47
C THR A 171 -9.98 -2.25 17.91
N ASN A 172 -10.31 -3.42 18.46
CA ASN A 172 -11.64 -3.63 19.03
C ASN A 172 -11.80 -2.97 20.39
N ASN A 173 -10.70 -2.83 21.14
CA ASN A 173 -10.77 -2.35 22.53
C ASN A 173 -9.37 -1.87 22.89
N THR A 174 -9.22 -0.58 23.23
CA THR A 174 -7.87 -0.07 23.49
C THR A 174 -7.30 -0.58 24.82
N ARG A 175 -8.16 -0.90 25.78
CA ARG A 175 -7.66 -1.37 27.07
C ARG A 175 -7.20 -2.81 27.00
N SER A 176 -7.92 -3.65 26.26
CA SER A 176 -7.56 -5.07 26.10
C SER A 176 -7.70 -5.43 24.63
N PRO A 177 -6.73 -5.04 23.80
CA PRO A 177 -6.85 -5.30 22.36
C PRO A 177 -6.77 -6.80 22.07
N LYS A 178 -7.70 -7.28 21.24
CA LYS A 178 -7.65 -8.64 20.73
C LYS A 178 -7.49 -8.69 19.23
N LEU A 179 -7.78 -7.61 18.51
CA LEU A 179 -7.55 -7.60 17.08
C LEU A 179 -7.11 -6.21 16.67
N PHE A 180 -6.35 -6.14 15.58
CA PHE A 180 -5.92 -4.89 14.99
C PHE A 180 -6.27 -4.91 13.52
N VAL A 181 -6.61 -3.74 12.99
CA VAL A 181 -6.96 -3.58 11.58
C VAL A 181 -5.99 -2.59 10.98
N VAL A 182 -5.37 -2.97 9.85
CA VAL A 182 -4.52 -2.05 9.11
C VAL A 182 -5.11 -1.76 7.74
N PHE A 183 -4.82 -0.57 7.23
CA PHE A 183 -5.49 -0.01 6.06
C PHE A 183 -4.52 0.37 4.95
N PHE A 184 -3.23 0.01 5.06
CA PHE A 184 -2.27 0.39 4.03
C PHE A 184 -1.40 -0.80 3.66
N ASP A 185 -0.96 -0.80 2.39
CA ASP A 185 -0.07 -1.84 1.92
C ASP A 185 1.27 -1.72 2.64
N ASN A 186 1.93 -2.87 2.80
CA ASN A 186 3.27 -2.91 3.38
C ASN A 186 3.32 -2.46 4.84
N GLN A 187 2.17 -2.46 5.54
CA GLN A 187 2.12 -2.25 6.98
C GLN A 187 2.15 -3.57 7.76
N ALA A 188 2.24 -4.69 7.07
CA ALA A 188 2.24 -6.01 7.70
C ALA A 188 3.12 -6.92 6.86
N TYR A 189 4.04 -7.62 7.53
CA TYR A 189 4.93 -8.55 6.84
C TYR A 189 4.60 -9.97 7.27
N PRO A 190 4.15 -10.84 6.36
CA PRO A 190 3.91 -12.24 6.73
C PRO A 190 5.24 -12.94 6.94
N GLU A 191 5.54 -13.30 8.18
CA GLU A 191 6.86 -13.83 8.49
C GLU A 191 6.90 -15.34 8.58
N TYR A 192 5.84 -15.98 9.07
CA TYR A 192 5.78 -17.43 9.15
C TYR A 192 4.40 -17.89 8.69
N LEU A 193 4.36 -19.09 8.11
CA LEU A 193 3.10 -19.74 7.76
C LEU A 193 3.03 -21.03 8.56
N ILE A 194 2.00 -21.14 9.42
CA ILE A 194 1.74 -22.35 10.19
C ILE A 194 0.70 -23.16 9.44
N THR A 195 1.04 -24.40 9.09
CA THR A 195 0.06 -25.36 8.57
C THR A 195 -0.28 -26.31 9.70
N PHE A 196 -1.57 -26.50 9.95
CA PHE A 196 -1.97 -27.27 11.14
C PHE A 196 -3.27 -28.00 10.87
N THR A 197 -3.60 -28.93 11.77
CA THR A 197 -4.80 -29.75 11.62
C THR A 197 -5.45 -29.95 12.99
N ALA A 198 -6.70 -30.39 12.96
CA ALA A 198 -7.38 -30.87 14.16
C ALA A 198 -6.73 -32.18 14.62
N LEU B 2 15.04 13.99 -1.40
CA LEU B 2 16.25 13.42 -2.04
C LEU B 2 16.56 13.80 -3.52
N PRO B 3 15.57 14.19 -4.33
CA PRO B 3 15.91 14.72 -5.67
C PRO B 3 16.71 16.00 -5.58
N GLU B 4 17.56 16.22 -6.60
CA GLU B 4 18.49 17.34 -6.56
C GLU B 4 17.78 18.68 -6.61
N HIS B 5 16.62 18.76 -7.25
CA HIS B 5 15.93 20.03 -7.46
C HIS B 5 15.03 20.42 -6.29
N TRP B 6 14.90 19.58 -5.27
CA TRP B 6 14.18 20.01 -4.07
C TRP B 6 14.99 21.04 -3.33
N THR B 7 14.29 21.92 -2.62
CA THR B 7 14.93 22.95 -1.82
C THR B 7 14.96 22.53 -0.35
N ASP B 8 15.76 23.26 0.43
CA ASP B 8 16.01 22.89 1.82
C ASP B 8 14.74 22.97 2.67
N MET B 9 14.61 22.04 3.61
CA MET B 9 13.42 21.93 4.43
C MET B 9 13.70 22.06 5.92
N ASN B 10 14.84 22.65 6.30
CA ASN B 10 15.12 22.91 7.70
C ASN B 10 15.00 21.65 8.56
N HIS B 11 15.52 20.54 8.03
CA HIS B 11 15.56 19.24 8.69
C HIS B 11 14.19 18.57 8.81
N GLN B 12 13.18 19.09 8.13
CA GLN B 12 11.85 18.51 8.14
C GLN B 12 11.62 17.61 6.93
N LEU B 13 10.49 16.91 6.94
CA LEU B 13 10.24 15.83 6.00
C LEU B 13 9.11 16.11 5.01
N PHE B 14 8.40 17.23 5.16
CA PHE B 14 7.28 17.53 4.28
C PHE B 14 7.17 19.04 4.10
N CYS B 15 7.12 19.48 2.85
CA CYS B 15 6.92 20.89 2.54
C CYS B 15 6.30 21.00 1.15
N MET B 16 5.36 21.93 1.00
CA MET B 16 4.88 22.33 -0.32
C MET B 16 5.60 23.62 -0.71
N VAL B 17 6.23 23.62 -1.88
CA VAL B 17 7.06 24.75 -2.32
C VAL B 17 6.44 25.38 -3.56
N GLN B 18 5.95 26.60 -3.43
CA GLN B 18 5.40 27.30 -4.60
C GLN B 18 6.50 27.66 -5.58
N LEU B 19 6.30 27.31 -6.85
CA LEU B 19 7.31 27.57 -7.87
C LEU B 19 7.27 29.01 -8.34
N GLU B 20 8.43 29.49 -8.74
CA GLU B 20 8.55 30.84 -9.27
C GLU B 20 8.18 30.82 -10.76
N PRO B 21 7.18 31.60 -11.18
CA PRO B 21 6.87 31.67 -12.61
C PRO B 21 8.07 32.13 -13.42
N GLY B 22 8.14 31.64 -14.65
CA GLY B 22 9.18 32.03 -15.58
C GLY B 22 10.50 31.33 -15.42
N GLN B 23 10.68 30.52 -14.37
CA GLN B 23 11.91 29.74 -14.26
C GLN B 23 11.68 28.35 -14.85
N SER B 24 12.78 27.63 -15.10
CA SER B 24 12.74 26.44 -15.93
C SER B 24 11.77 25.39 -15.40
N GLU B 25 11.73 25.19 -14.08
CA GLU B 25 10.89 24.14 -13.52
C GLU B 25 9.42 24.45 -13.72
N TYR B 26 9.01 25.66 -13.34
CA TYR B 26 7.64 26.11 -13.58
C TYR B 26 7.28 26.00 -15.06
N ASN B 27 8.18 26.49 -15.93
CA ASN B 27 7.89 26.50 -17.36
C ASN B 27 7.65 25.09 -17.89
N THR B 28 8.45 24.13 -17.43
CA THR B 28 8.32 22.75 -17.87
C THR B 28 6.95 22.17 -17.47
N ILE B 29 6.53 22.41 -16.23
CA ILE B 29 5.26 21.87 -15.78
C ILE B 29 4.11 22.60 -16.46
N LYS B 30 4.21 23.92 -16.58
CA LYS B 30 3.16 24.67 -17.26
C LYS B 30 2.99 24.19 -18.70
N ASP B 31 4.09 23.92 -19.40
CA ASP B 31 3.99 23.47 -20.79
C ASP B 31 3.27 22.13 -20.90
N LYS B 32 3.54 21.21 -19.97
CA LYS B 32 2.88 19.90 -20.01
C LYS B 32 1.38 20.07 -19.86
N PHE B 33 0.96 20.99 -18.99
CA PHE B 33 -0.45 21.31 -18.79
C PHE B 33 -1.05 22.02 -20.00
N THR B 34 -0.36 23.06 -20.51
CA THR B 34 -0.94 23.86 -21.59
C THR B 34 -0.97 23.14 -22.93
N ARG B 35 -0.24 22.03 -23.07
CA ARG B 35 -0.34 21.23 -24.28
C ARG B 35 -1.79 20.85 -24.58
N THR B 36 -2.61 20.62 -23.55
CA THR B 36 -4.02 20.32 -23.75
C THR B 36 -4.98 21.25 -23.01
N CYS B 37 -4.49 22.15 -22.16
CA CYS B 37 -5.33 23.02 -21.34
C CYS B 37 -4.94 24.49 -21.50
N SER B 38 -4.67 24.91 -22.73
CA SER B 38 -4.22 26.29 -22.95
C SER B 38 -5.29 27.33 -22.67
N SER B 39 -6.57 26.96 -22.59
CA SER B 39 -7.63 27.92 -22.28
C SER B 39 -7.83 28.14 -20.78
N TYR B 40 -7.15 27.37 -19.93
CA TYR B 40 -7.27 27.53 -18.49
C TYR B 40 -6.21 28.51 -17.99
N ALA B 41 -6.48 29.07 -16.81
CA ALA B 41 -5.61 30.06 -16.19
C ALA B 41 -4.96 29.43 -14.96
N ILE B 42 -3.63 29.40 -14.94
CA ILE B 42 -2.89 28.83 -13.83
C ILE B 42 -2.68 29.89 -12.76
N GLU B 43 -3.14 29.61 -11.54
CA GLU B 43 -2.91 30.49 -10.42
C GLU B 43 -1.56 30.24 -9.78
N LYS B 44 -1.18 28.97 -9.59
CA LYS B 44 0.12 28.64 -9.04
C LYS B 44 0.42 27.18 -9.29
N ILE B 45 1.70 26.84 -9.16
CA ILE B 45 2.18 25.47 -9.23
C ILE B 45 3.07 25.25 -8.03
N GLU B 46 2.83 24.15 -7.32
CA GLU B 46 3.59 23.83 -6.12
C GLU B 46 4.30 22.51 -6.28
N ARG B 47 5.57 22.45 -5.87
CA ARG B 47 6.28 21.20 -5.79
C ARG B 47 5.99 20.52 -4.45
N ILE B 48 5.63 19.25 -4.51
CA ILE B 48 5.34 18.47 -3.31
C ILE B 48 6.64 17.80 -2.86
N GLN B 49 7.14 18.18 -1.69
CA GLN B 49 8.37 17.61 -1.14
C GLN B 49 7.95 16.74 0.04
N ASN B 50 7.65 15.48 -0.23
CA ASN B 50 7.19 14.54 0.79
C ASN B 50 8.23 13.42 0.85
N ALA B 51 9.14 13.51 1.83
CA ALA B 51 10.26 12.59 1.88
C ALA B 51 9.83 11.15 2.05
N PHE B 52 8.88 10.90 2.96
CA PHE B 52 8.46 9.52 3.24
C PHE B 52 7.77 8.90 2.02
N LEU B 53 6.84 9.64 1.41
CA LEU B 53 6.17 9.15 0.22
C LEU B 53 7.15 8.90 -0.91
N TRP B 54 8.13 9.81 -1.08
CA TRP B 54 9.14 9.64 -2.11
C TRP B 54 9.96 8.39 -1.86
N GLN B 55 10.39 8.19 -0.61
CA GLN B 55 11.20 7.02 -0.27
C GLN B 55 10.47 5.72 -0.62
N SER B 56 9.21 5.59 -0.21
CA SER B 56 8.48 4.36 -0.48
C SER B 56 8.24 4.17 -1.98
N TYR B 57 8.01 5.27 -2.70
CA TYR B 57 7.84 5.22 -4.15
C TYR B 57 9.12 4.77 -4.85
N GLN B 58 10.26 5.33 -4.42
CA GLN B 58 11.54 4.94 -5.03
C GLN B 58 11.90 3.49 -4.75
N VAL B 59 11.55 2.97 -3.57
CA VAL B 59 11.75 1.54 -3.32
C VAL B 59 10.96 0.71 -4.33
N LYS B 60 9.68 1.07 -4.54
CA LYS B 60 8.87 0.35 -5.51
C LYS B 60 9.45 0.49 -6.93
N LYS B 61 9.94 1.67 -7.29
CA LYS B 61 10.51 1.85 -8.61
C LYS B 61 11.73 0.94 -8.81
N ARG B 62 12.62 0.91 -7.82
CA ARG B 62 13.79 0.04 -7.90
C ARG B 62 13.39 -1.43 -8.05
N GLN B 63 12.36 -1.85 -7.30
CA GLN B 63 11.89 -3.22 -7.42
C GLN B 63 11.31 -3.51 -8.79
N MET B 64 10.52 -2.58 -9.32
CA MET B 64 9.94 -2.78 -10.65
C MET B 64 11.00 -2.77 -11.73
N ASP B 65 12.02 -1.92 -11.57
CA ASP B 65 13.14 -1.93 -12.51
C ASP B 65 13.85 -3.28 -12.51
N ILE B 66 14.00 -3.89 -11.32
CA ILE B 66 14.63 -5.21 -11.23
C ILE B 66 13.72 -6.28 -11.82
N LYS B 67 12.43 -6.24 -11.48
CA LYS B 67 11.49 -7.26 -11.92
C LYS B 67 11.30 -7.25 -13.43
N ASN B 68 11.22 -6.05 -14.02
CA ASN B 68 11.03 -5.93 -15.45
C ASN B 68 12.35 -5.84 -16.22
N ASP B 69 13.48 -5.98 -15.51
CA ASP B 69 14.83 -5.68 -15.99
C ASP B 69 14.91 -4.72 -17.17
N HIS B 70 14.14 -3.63 -17.08
CA HIS B 70 14.37 -2.43 -17.85
C HIS B 70 13.94 -1.27 -16.98
N LYS B 71 14.33 -0.06 -17.37
CA LYS B 71 14.02 1.13 -16.59
C LYS B 71 13.03 2.05 -17.29
N ASN B 72 12.10 1.47 -18.05
CA ASN B 72 11.07 2.28 -18.71
C ASN B 72 9.73 2.05 -18.03
N ASN B 73 9.70 2.20 -16.69
CA ASN B 73 8.52 1.82 -15.92
C ASN B 73 7.70 2.99 -15.42
N GLU B 74 8.17 4.21 -15.61
CA GLU B 74 7.57 5.40 -15.03
C GLU B 74 7.02 6.30 -16.14
N ARG B 75 5.86 6.90 -15.87
CA ARG B 75 5.23 7.87 -16.76
C ARG B 75 4.76 9.05 -15.93
N LEU B 76 4.72 10.22 -16.54
CA LEU B 76 4.23 11.42 -15.89
C LEU B 76 2.80 11.64 -16.36
N LEU B 77 1.85 11.60 -15.43
CA LEU B 77 0.41 11.62 -15.72
C LEU B 77 -0.26 12.66 -14.84
N PHE B 78 -1.56 12.87 -15.05
CA PHE B 78 -2.34 13.90 -14.37
C PHE B 78 -3.42 13.27 -13.53
N HIS B 79 -3.83 13.97 -12.46
CA HIS B 79 -4.93 13.49 -11.63
C HIS B 79 -5.66 14.70 -11.08
N GLY B 80 -6.91 14.89 -11.51
CA GLY B 80 -7.74 15.93 -10.95
C GLY B 80 -8.49 15.43 -9.72
N THR B 81 -8.62 16.29 -8.73
CA THR B 81 -9.36 15.92 -7.53
C THR B 81 -9.99 17.15 -6.92
N ASP B 82 -10.85 16.92 -5.92
CA ASP B 82 -11.52 18.03 -5.24
C ASP B 82 -10.58 18.64 -4.19
N ALA B 83 -10.89 19.89 -3.82
CA ALA B 83 -10.04 20.61 -2.88
C ALA B 83 -9.95 19.92 -1.53
N ASP B 84 -11.01 19.23 -1.12
CA ASP B 84 -11.01 18.61 0.19
C ASP B 84 -10.10 17.38 0.25
N SER B 85 -9.74 16.81 -0.90
CA SER B 85 -8.80 15.69 -0.95
C SER B 85 -7.35 16.16 -1.03
N VAL B 86 -7.11 17.43 -1.34
CA VAL B 86 -5.74 17.90 -1.56
C VAL B 86 -4.83 17.69 -0.34
N PRO B 87 -5.24 18.03 0.89
CA PRO B 87 -4.32 17.78 2.01
C PRO B 87 -3.97 16.31 2.19
N TYR B 88 -4.93 15.41 2.01
CA TYR B 88 -4.64 13.99 2.11
C TYR B 88 -3.62 13.56 1.05
N VAL B 89 -3.85 13.96 -0.20
CA VAL B 89 -2.95 13.53 -1.26
C VAL B 89 -1.55 14.06 -1.03
N ASN B 90 -1.43 15.32 -0.61
CA ASN B 90 -0.10 15.89 -0.41
C ASN B 90 0.70 15.06 0.61
N GLN B 91 0.02 14.58 1.65
CA GLN B 91 0.65 13.89 2.77
C GLN B 91 0.74 12.39 2.58
N HIS B 92 -0.26 11.78 1.96
CA HIS B 92 -0.38 10.33 1.91
C HIS B 92 -0.47 9.75 0.52
N GLY B 93 -0.51 10.59 -0.51
CA GLY B 93 -0.63 10.07 -1.86
C GLY B 93 -2.05 9.63 -2.21
N PHE B 94 -2.13 8.68 -3.13
CA PHE B 94 -3.38 8.29 -3.77
C PHE B 94 -3.83 6.94 -3.24
N ASN B 95 -5.07 6.90 -2.74
CA ASN B 95 -5.59 5.76 -1.98
C ASN B 95 -6.77 5.19 -2.75
N ARG B 96 -6.60 3.97 -3.30
CA ARG B 96 -7.68 3.34 -4.07
C ARG B 96 -8.94 3.13 -3.23
N SER B 97 -8.82 3.08 -1.91
CA SER B 97 -9.99 2.82 -1.06
C SER B 97 -10.85 4.05 -0.88
N CYS B 98 -10.40 5.22 -1.34
CA CYS B 98 -11.15 6.44 -1.18
C CYS B 98 -11.85 6.81 -2.48
N SER B 105 -15.56 1.57 -16.19
CA SER B 105 -14.54 1.29 -15.19
C SER B 105 -13.53 0.25 -15.64
N TYR B 106 -12.27 0.51 -15.30
CA TYR B 106 -11.16 -0.34 -15.68
C TYR B 106 -10.53 -1.00 -14.46
N GLY B 107 -11.23 -0.97 -13.34
CA GLY B 107 -10.74 -1.57 -12.11
C GLY B 107 -10.83 -0.64 -10.92
N LYS B 108 -10.83 -1.22 -9.72
CA LYS B 108 -10.87 -0.47 -8.46
C LYS B 108 -9.46 -0.08 -8.04
N GLY B 109 -8.91 0.89 -8.75
CA GLY B 109 -7.63 1.48 -8.41
C GLY B 109 -7.67 3.00 -8.46
N THR B 110 -6.51 3.65 -8.51
CA THR B 110 -6.45 5.09 -8.71
C THR B 110 -6.15 5.36 -10.16
N TYR B 111 -6.84 6.35 -10.73
CA TYR B 111 -6.82 6.65 -12.15
C TYR B 111 -5.96 7.86 -12.45
N PHE B 112 -5.21 7.78 -13.54
CA PHE B 112 -4.31 8.86 -13.97
C PHE B 112 -4.45 9.03 -15.46
N ALA B 113 -4.48 10.30 -15.91
CA ALA B 113 -4.74 10.64 -17.30
C ALA B 113 -3.45 11.02 -18.03
N VAL B 114 -3.37 10.64 -19.30
CA VAL B 114 -2.29 11.10 -20.16
C VAL B 114 -2.39 12.59 -20.43
N ASP B 115 -3.60 13.10 -20.66
CA ASP B 115 -3.81 14.49 -21.05
C ASP B 115 -4.40 15.26 -19.89
N ALA B 116 -3.83 16.43 -19.61
CA ALA B 116 -4.38 17.30 -18.58
C ALA B 116 -5.85 17.63 -18.84
N SER B 117 -6.25 17.72 -20.12
CA SER B 117 -7.63 18.05 -20.44
C SER B 117 -8.62 17.05 -19.88
N TYR B 118 -8.22 15.78 -19.79
CA TYR B 118 -9.10 14.77 -19.19
C TYR B 118 -9.29 15.05 -17.71
N SER B 119 -8.19 15.29 -16.99
CA SER B 119 -8.28 15.59 -15.57
C SER B 119 -8.91 16.96 -15.29
N ALA B 120 -8.95 17.84 -16.29
CA ALA B 120 -9.55 19.16 -16.13
C ALA B 120 -11.07 19.13 -16.08
N LYS B 121 -11.70 18.01 -16.42
CA LYS B 121 -13.14 17.89 -16.32
C LYS B 121 -13.59 18.15 -14.88
N ASP B 122 -14.71 18.86 -14.74
CA ASP B 122 -15.24 19.20 -13.43
C ASP B 122 -15.56 17.98 -12.59
N THR B 123 -15.82 16.83 -13.22
CA THR B 123 -16.11 15.63 -12.43
C THR B 123 -14.89 15.16 -11.64
N TYR B 124 -13.68 15.54 -12.07
CA TYR B 124 -12.45 15.17 -11.38
C TYR B 124 -11.89 16.34 -10.59
N SER B 125 -11.47 17.40 -11.27
CA SER B 125 -10.95 18.59 -10.61
C SER B 125 -12.11 19.53 -10.27
N LYS B 126 -12.91 19.08 -9.31
CA LYS B 126 -14.15 19.76 -8.94
C LYS B 126 -13.84 21.20 -8.52
N PRO B 127 -14.55 22.19 -9.08
CA PRO B 127 -14.29 23.59 -8.69
C PRO B 127 -14.71 23.89 -7.26
N ASP B 128 -13.75 24.38 -6.49
CA ASP B 128 -13.91 25.19 -5.28
C ASP B 128 -15.21 25.99 -5.25
N ASN B 130 -15.07 29.49 -4.51
CA ASN B 130 -14.49 30.30 -5.57
C ASN B 130 -13.85 29.39 -6.60
N GLY B 131 -14.42 29.36 -7.81
CA GLY B 131 -14.17 28.34 -8.82
C GLY B 131 -12.75 27.86 -9.12
N ARG B 132 -11.99 27.55 -8.07
CA ARG B 132 -10.63 27.03 -8.22
C ARG B 132 -10.64 25.51 -8.40
N LYS B 133 -9.78 25.04 -9.29
CA LYS B 133 -9.65 23.62 -9.62
C LYS B 133 -8.23 23.15 -9.32
N HIS B 134 -8.08 21.86 -9.03
CA HIS B 134 -6.82 21.29 -8.58
C HIS B 134 -6.48 20.04 -9.36
N MET B 135 -5.25 19.98 -9.87
CA MET B 135 -4.76 18.82 -10.61
C MET B 135 -3.30 18.55 -10.25
N TYR B 136 -2.99 17.27 -10.04
CA TYR B 136 -1.63 16.86 -9.74
C TYR B 136 -0.95 16.41 -11.02
N VAL B 137 0.36 16.66 -11.10
CA VAL B 137 1.28 16.01 -12.02
C VAL B 137 1.94 14.90 -11.21
N VAL B 138 1.86 13.66 -11.71
CA VAL B 138 2.13 12.49 -10.89
C VAL B 138 3.15 11.60 -11.59
N ARG B 139 4.17 11.15 -10.87
CA ARG B 139 5.03 10.07 -11.36
C ARG B 139 4.33 8.75 -11.07
N VAL B 140 4.02 7.98 -12.11
CA VAL B 140 3.27 6.74 -11.95
C VAL B 140 4.09 5.57 -12.49
N LEU B 141 4.20 4.50 -11.69
CA LEU B 141 4.90 3.28 -12.11
C LEU B 141 3.93 2.41 -12.87
N THR B 142 3.75 2.75 -14.15
CA THR B 142 2.84 2.00 -15.01
C THR B 142 3.43 0.66 -15.44
N GLY B 143 4.76 0.57 -15.50
CA GLY B 143 5.42 -0.70 -15.82
C GLY B 143 4.88 -1.37 -17.08
N VAL B 144 4.64 -2.67 -16.98
CA VAL B 144 4.03 -3.44 -18.06
C VAL B 144 2.53 -3.45 -17.81
N PHE B 145 1.76 -3.06 -18.82
CA PHE B 145 0.33 -2.87 -18.65
C PHE B 145 -0.47 -3.69 -19.65
N THR B 146 -1.75 -3.85 -19.34
CA THR B 146 -2.68 -4.57 -20.18
C THR B 146 -4.02 -3.85 -20.12
N LYS B 147 -4.97 -4.24 -20.97
CA LYS B 147 -6.28 -3.62 -20.92
C LYS B 147 -7.02 -4.00 -19.66
N GLY B 148 -7.62 -3.00 -19.00
CA GLY B 148 -8.39 -3.24 -17.79
C GLY B 148 -9.84 -3.57 -18.09
N ARG B 149 -10.58 -3.82 -17.02
CA ARG B 149 -12.00 -4.13 -17.10
C ARG B 149 -12.62 -3.92 -15.72
N ALA B 150 -13.94 -3.85 -15.68
CA ALA B 150 -14.62 -3.52 -14.44
C ALA B 150 -14.45 -4.64 -13.42
N GLY B 151 -14.27 -4.25 -12.17
CA GLY B 151 -14.25 -5.19 -11.08
C GLY B 151 -12.89 -5.71 -10.69
N LEU B 152 -11.86 -5.41 -11.47
CA LEU B 152 -10.50 -5.78 -11.08
C LEU B 152 -10.15 -5.13 -9.73
N VAL B 153 -9.51 -5.90 -8.85
CA VAL B 153 -8.96 -5.34 -7.62
C VAL B 153 -7.44 -5.29 -7.61
N THR B 154 -6.75 -6.02 -8.50
CA THR B 154 -5.32 -5.92 -8.82
C THR B 154 -5.21 -6.07 -10.34
N PRO B 155 -4.08 -5.72 -10.97
CA PRO B 155 -3.95 -6.02 -12.39
C PRO B 155 -4.02 -7.51 -12.62
N PRO B 156 -4.42 -7.94 -13.82
CA PRO B 156 -4.51 -9.37 -14.08
C PRO B 156 -3.13 -10.00 -14.09
N PRO B 157 -3.07 -11.33 -13.97
CA PRO B 157 -1.77 -12.01 -14.12
C PRO B 157 -1.33 -11.99 -15.57
N LYS B 158 -0.02 -12.08 -15.77
CA LYS B 158 0.49 -12.21 -17.13
C LYS B 158 0.14 -13.55 -17.74
N ASN B 159 0.05 -14.60 -16.92
CA ASN B 159 -0.23 -15.96 -17.41
C ASN B 159 -0.99 -16.78 -16.39
N PRO B 160 -2.04 -17.51 -16.81
CA PRO B 160 -2.85 -18.30 -15.86
C PRO B 160 -2.10 -19.21 -14.92
N HIS B 161 -1.23 -20.10 -15.43
CA HIS B 161 -0.58 -21.05 -14.53
C HIS B 161 0.42 -20.41 -13.57
N ASN B 162 0.56 -19.08 -13.62
CA ASN B 162 1.33 -18.32 -12.64
C ASN B 162 0.48 -17.11 -12.24
N PRO B 163 -0.60 -17.34 -11.47
CA PRO B 163 -1.55 -16.25 -11.20
C PRO B 163 -1.02 -15.16 -10.31
N THR B 164 0.18 -15.31 -9.72
CA THR B 164 0.72 -14.29 -8.83
C THR B 164 1.70 -13.34 -9.53
N ASP B 165 2.12 -13.64 -10.75
CA ASP B 165 2.99 -12.74 -11.52
C ASP B 165 2.09 -11.77 -12.29
N LEU B 166 2.00 -10.52 -11.82
CA LEU B 166 0.96 -9.60 -12.27
C LEU B 166 1.50 -8.52 -13.21
N PHE B 167 0.60 -8.01 -14.06
CA PHE B 167 0.89 -6.76 -14.74
C PHE B 167 1.01 -5.65 -13.69
N ASP B 168 1.69 -4.56 -14.07
CA ASP B 168 1.91 -3.47 -13.13
C ASP B 168 0.76 -2.48 -13.09
N SER B 169 0.02 -2.36 -14.20
CA SER B 169 -1.09 -1.41 -14.26
C SER B 169 -2.00 -1.86 -15.40
N VAL B 170 -3.15 -1.19 -15.51
CA VAL B 170 -4.06 -1.42 -16.63
C VAL B 170 -4.39 -0.08 -17.29
N THR B 171 -4.92 -0.18 -18.51
CA THR B 171 -5.22 1.00 -19.32
C THR B 171 -6.55 0.78 -20.04
N ASN B 172 -7.09 1.85 -20.63
CA ASN B 172 -8.28 1.72 -21.46
C ASN B 172 -7.96 1.18 -22.83
N ASN B 173 -6.74 1.40 -23.33
CA ASN B 173 -6.37 1.05 -24.70
C ASN B 173 -4.86 0.88 -24.71
N THR B 174 -4.39 -0.33 -24.99
CA THR B 174 -2.96 -0.60 -24.90
C THR B 174 -2.18 0.07 -26.03
N ARG B 175 -2.80 0.26 -27.20
CA ARG B 175 -2.08 0.86 -28.32
C ARG B 175 -1.97 2.38 -28.18
N SER B 176 -3.03 3.04 -27.73
CA SER B 176 -3.03 4.49 -27.55
C SER B 176 -3.67 4.79 -26.20
N PRO B 177 -2.92 4.58 -25.12
CA PRO B 177 -3.52 4.76 -23.79
C PRO B 177 -3.87 6.21 -23.53
N LYS B 178 -5.01 6.41 -22.89
CA LYS B 178 -5.37 7.72 -22.37
C LYS B 178 -5.53 7.74 -20.86
N LEU B 179 -5.63 6.58 -20.23
CA LEU B 179 -5.67 6.54 -18.78
C LEU B 179 -4.95 5.28 -18.31
N PHE B 180 -4.41 5.35 -17.09
CA PHE B 180 -3.82 4.21 -16.43
C PHE B 180 -4.40 4.08 -15.02
N VAL B 181 -4.52 2.84 -14.56
CA VAL B 181 -5.01 2.52 -13.23
C VAL B 181 -3.93 1.72 -12.50
N VAL B 182 -3.57 2.15 -11.29
CA VAL B 182 -2.69 1.37 -10.42
C VAL B 182 -3.45 0.98 -9.17
N PHE B 183 -3.04 -0.16 -8.59
CA PHE B 183 -3.83 -0.84 -7.56
C PHE B 183 -3.11 -0.98 -6.22
N PHE B 184 -1.94 -0.37 -6.07
CA PHE B 184 -1.19 -0.47 -4.83
C PHE B 184 -0.71 0.90 -4.40
N ASP B 185 -0.57 1.05 -3.08
CA ASP B 185 -0.04 2.28 -2.52
C ASP B 185 1.41 2.45 -2.97
N ASN B 186 1.86 3.69 -3.08
CA ASN B 186 3.26 3.94 -3.39
C ASN B 186 3.68 3.49 -4.81
N GLN B 187 2.73 3.27 -5.74
CA GLN B 187 3.02 3.22 -7.16
C GLN B 187 2.83 4.58 -7.84
N ALA B 188 2.49 5.61 -7.08
CA ALA B 188 2.26 6.95 -7.64
C ALA B 188 2.76 7.98 -6.66
N TYR B 189 3.55 8.94 -7.15
CA TYR B 189 4.10 10.00 -6.32
C TYR B 189 3.54 11.33 -6.82
N PRO B 190 2.78 12.07 -6.00
CA PRO B 190 2.29 13.39 -6.44
C PRO B 190 3.45 14.39 -6.47
N GLU B 191 3.84 14.83 -7.67
CA GLU B 191 5.04 15.66 -7.80
C GLU B 191 4.74 17.15 -7.81
N TYR B 192 3.70 17.58 -8.51
CA TYR B 192 3.32 18.98 -8.49
C TYR B 192 1.81 19.10 -8.35
N LEU B 193 1.37 20.20 -7.74
CA LEU B 193 -0.05 20.54 -7.64
C LEU B 193 -0.29 21.83 -8.42
N ILE B 194 -1.20 21.77 -9.39
CA ILE B 194 -1.54 22.92 -10.22
C ILE B 194 -2.89 23.44 -9.73
N THR B 195 -2.94 24.70 -9.34
CA THR B 195 -4.19 25.37 -9.01
C THR B 195 -4.57 26.28 -10.17
N PHE B 196 -5.79 26.14 -10.67
CA PHE B 196 -6.14 26.75 -11.96
C PHE B 196 -7.64 27.01 -12.02
N THR B 197 -8.04 27.81 -13.02
CA THR B 197 -9.43 28.15 -13.26
C THR B 197 -9.76 28.01 -14.74
N ALA B 198 -11.05 27.83 -15.03
CA ALA B 198 -11.53 27.66 -16.40
C ALA B 198 -11.50 28.95 -17.20
N3 3AB C . -11.54 8.26 -14.59
C3 3AB C . -10.30 9.01 -14.62
C2 3AB C . -10.09 10.04 -13.71
C4 3AB C . -9.31 8.71 -15.54
C5 3AB C . -8.12 9.42 -15.58
C6 3AB C . -7.91 10.45 -14.67
C1 3AB C . -8.90 10.75 -13.75
C1' 3AB C . -8.64 11.85 -12.77
O1' 3AB C . -8.99 11.79 -11.62
N1' 3AB C . -7.91 12.99 -13.24
#